data_2O2X
#
_entry.id   2O2X
#
_cell.length_a   36.480
_cell.length_b   66.270
_cell.length_c   41.020
_cell.angle_alpha   90.000
_cell.angle_beta   108.530
_cell.angle_gamma   90.000
#
_symmetry.space_group_name_H-M   'P 1 21 1'
#
loop_
_entity.id
_entity.type
_entity.pdbx_description
1 polymer 'hypothetical protein'
2 non-polymer GLYCEROL
3 water water
#
_entity_poly.entity_id   1
_entity_poly.type   'polypeptide(L)'
_entity_poly.pdbx_seq_one_letter_code
;G(MSE)ADKTGTPHPLTEPGVWIERIGGRVFPPHLPALFLDRDGTINVDTDYPSDPAEIVLRPQ(MSE)LPAIATANRAG
IPVVVVTNQSGIARGYFGWSAFAAVNGRVLELLREEGVFVD(MSE)VLACAYHEAGVGPLAIPDHP(MSE)RKPNPG
(MSE)LVEAGKRLALDLQRSLIVGDKLAD(MSE)QAGKRAGLAQGWLVDGEAAVQPGFAIRPLRDSSELGDLLAAIETLG
RDNRS
;
_entity_poly.pdbx_strand_id   A
#
loop_
_chem_comp.id
_chem_comp.type
_chem_comp.name
_chem_comp.formula
GOL non-polymer GLYCEROL 'C3 H8 O3'
#
# COMPACT_ATOMS: atom_id res chain seq x y z
N PRO A 9 5.67 15.22 15.63
CA PRO A 9 4.28 15.41 15.21
C PRO A 9 3.83 14.38 14.18
N HIS A 10 2.57 13.99 14.23
CA HIS A 10 2.02 13.11 13.18
C HIS A 10 2.01 13.84 11.85
N PRO A 11 2.49 13.18 10.77
CA PRO A 11 2.54 13.78 9.44
C PRO A 11 1.16 13.84 8.75
N LEU A 12 0.23 14.50 9.41
CA LEU A 12 -1.12 14.66 8.87
C LEU A 12 -1.18 15.81 7.90
N THR A 13 -1.79 15.61 6.74
CA THR A 13 -2.05 16.69 5.82
C THR A 13 -3.45 17.26 6.04
N GLU A 14 -4.29 16.47 6.70
CA GLU A 14 -5.62 16.89 7.13
C GLU A 14 -6.05 15.90 8.21
N PRO A 15 -7.16 16.15 8.91
CA PRO A 15 -7.39 15.35 10.10
C PRO A 15 -7.45 13.83 9.85
N GLY A 16 -7.84 13.43 8.65
CA GLY A 16 -7.94 12.00 8.34
C GLY A 16 -6.95 11.48 7.32
N VAL A 17 -5.86 12.21 7.04
CA VAL A 17 -4.87 11.77 6.07
C VAL A 17 -3.45 11.91 6.57
N TRP A 18 -2.71 10.81 6.52
CA TRP A 18 -1.32 10.70 6.95
C TRP A 18 -0.48 10.43 5.73
N ILE A 19 0.58 11.21 5.49
CA ILE A 19 1.47 11.01 4.36
C ILE A 19 2.89 11.16 4.87
N GLU A 20 3.71 10.13 4.70
CA GLU A 20 5.02 10.06 5.34
C GLU A 20 6.02 9.41 4.39
N ARG A 21 7.10 10.13 4.07
CA ARG A 21 8.22 9.56 3.34
C ARG A 21 9.05 8.72 4.32
N ILE A 22 9.43 7.51 3.92
CA ILE A 22 10.15 6.57 4.78
C ILE A 22 11.56 6.37 4.24
N GLY A 23 12.56 6.56 5.09
CA GLY A 23 13.94 6.24 4.69
C GLY A 23 14.44 7.34 3.80
N GLY A 24 15.64 7.15 3.29
CA GLY A 24 16.28 8.23 2.54
C GLY A 24 16.83 7.76 1.23
N ARG A 25 16.25 6.71 0.67
CA ARG A 25 16.67 6.26 -0.65
C ARG A 25 16.24 7.29 -1.67
N VAL A 26 17.05 7.45 -2.72
CA VAL A 26 16.76 8.43 -3.74
CA VAL A 26 16.77 8.43 -3.74
C VAL A 26 16.21 7.70 -4.95
N PHE A 27 15.11 8.22 -5.47
CA PHE A 27 14.48 7.67 -6.63
C PHE A 27 14.47 8.73 -7.70
N PRO A 28 15.05 8.42 -8.87
CA PRO A 28 14.88 9.33 -9.99
C PRO A 28 13.41 9.41 -10.39
N PRO A 29 13.06 10.45 -11.14
CA PRO A 29 11.67 10.59 -11.54
C PRO A 29 11.21 9.60 -12.60
N HIS A 30 9.90 9.44 -12.68
CA HIS A 30 9.22 8.62 -13.70
C HIS A 30 9.48 7.12 -13.57
N LEU A 31 9.67 6.67 -12.33
CA LEU A 31 9.74 5.24 -12.03
C LEU A 31 8.33 4.73 -11.74
N PRO A 32 8.08 3.46 -12.09
CA PRO A 32 6.91 2.78 -11.55
C PRO A 32 7.11 2.47 -10.09
N ALA A 33 6.00 2.31 -9.37
CA ALA A 33 6.02 1.92 -7.97
C ALA A 33 5.32 0.61 -7.76
N LEU A 34 5.67 -0.02 -6.65
CA LEU A 34 4.92 -1.14 -6.12
C LEU A 34 4.08 -0.61 -4.97
N PHE A 35 2.77 -0.52 -5.20
CA PHE A 35 1.83 -0.13 -4.16
C PHE A 35 1.37 -1.38 -3.39
N LEU A 36 1.36 -1.30 -2.07
CA LEU A 36 0.92 -2.38 -1.21
C LEU A 36 -0.10 -1.89 -0.23
N ASP A 37 -1.21 -2.59 -0.10
CA ASP A 37 -2.05 -2.43 1.09
C ASP A 37 -1.24 -2.97 2.30
N ARG A 38 -1.65 -2.63 3.54
CA ARG A 38 -0.93 -3.07 4.71
C ARG A 38 -1.65 -4.26 5.39
N ASP A 39 -2.78 -4.04 6.03
CA ASP A 39 -3.46 -5.08 6.79
C ASP A 39 -4.07 -6.11 5.84
N GLY A 40 -3.62 -7.36 5.95
CA GLY A 40 -4.03 -8.42 5.03
C GLY A 40 -3.06 -8.68 3.88
N THR A 41 -2.01 -7.86 3.76
CA THR A 41 -1.07 -7.94 2.67
C THR A 41 0.35 -8.03 3.22
N ILE A 42 0.81 -6.97 3.91
CA ILE A 42 2.08 -6.98 4.59
C ILE A 42 2.00 -7.63 5.95
N ASN A 43 0.97 -7.30 6.70
CA ASN A 43 0.78 -7.92 8.01
C ASN A 43 -0.54 -8.66 8.05
N VAL A 44 -0.65 -9.59 8.98
CA VAL A 44 -1.86 -10.35 9.12
C VAL A 44 -3.01 -9.41 9.48
N ASP A 45 -4.16 -9.60 8.85
CA ASP A 45 -5.27 -8.70 9.04
C ASP A 45 -5.89 -8.92 10.42
N THR A 46 -6.49 -7.88 10.94
CA THR A 46 -7.18 -7.96 12.23
C THR A 46 -8.23 -6.85 12.27
N ASP A 47 -9.24 -7.04 13.11
CA ASP A 47 -10.35 -6.09 13.17
C ASP A 47 -9.86 -4.72 13.65
N TYR A 48 -8.96 -4.71 14.62
CA TYR A 48 -8.58 -3.50 15.33
C TYR A 48 -7.06 -3.38 15.41
N PRO A 49 -6.42 -2.88 14.33
CA PRO A 49 -4.97 -2.86 14.29
C PRO A 49 -4.37 -1.72 15.12
N SER A 50 -4.59 -1.76 16.43
CA SER A 50 -4.15 -0.70 17.36
C SER A 50 -3.04 -1.14 18.32
N ASP A 51 -2.74 -2.44 18.40
CA ASP A 51 -1.80 -2.95 19.41
C ASP A 51 -0.56 -3.45 18.70
N PRO A 52 0.56 -2.74 18.83
CA PRO A 52 1.75 -3.18 18.10
C PRO A 52 2.23 -4.58 18.45
N ALA A 53 1.94 -5.00 19.68
CA ALA A 53 2.36 -6.32 20.12
C ALA A 53 1.69 -7.48 19.35
N GLU A 54 0.55 -7.22 18.74
CA GLU A 54 -0.21 -8.24 18.01
C GLU A 54 0.21 -8.34 16.54
N ILE A 55 1.04 -7.41 16.08
CA ILE A 55 1.42 -7.40 14.65
C ILE A 55 2.29 -8.60 14.28
N VAL A 56 1.91 -9.28 13.20
CA VAL A 56 2.68 -10.37 12.63
C VAL A 56 2.76 -10.17 11.12
N LEU A 57 3.95 -10.26 10.57
CA LEU A 57 4.12 -10.17 9.12
C LEU A 57 3.54 -11.37 8.40
N ARG A 58 3.06 -11.14 7.17
CA ARG A 58 2.77 -12.22 6.23
C ARG A 58 4.05 -12.52 5.47
N PRO A 59 4.70 -13.67 5.79
CA PRO A 59 6.00 -13.86 5.13
C PRO A 59 5.93 -13.98 3.62
N GLN A 60 4.79 -14.36 3.09
CA GLN A 60 4.69 -14.53 1.63
C GLN A 60 4.71 -13.20 0.86
N MSE A 61 4.60 -12.06 1.56
CA MSE A 61 4.77 -10.76 0.92
C MSE A 61 6.24 -10.35 0.86
O MSE A 61 6.63 -9.46 0.11
CB MSE A 61 3.94 -9.67 1.61
CG MSE A 61 3.69 -8.42 0.77
SE MSE A 61 2.95 -8.69 -1.01
CE MSE A 61 1.60 -9.98 -0.57
N LEU A 62 7.08 -10.94 1.71
CA LEU A 62 8.45 -10.46 1.83
C LEU A 62 9.28 -10.62 0.53
N PRO A 63 9.11 -11.73 -0.25
CA PRO A 63 9.83 -11.78 -1.52
C PRO A 63 9.49 -10.63 -2.46
N ALA A 64 8.24 -10.19 -2.45
CA ALA A 64 7.85 -9.06 -3.32
C ALA A 64 8.51 -7.75 -2.91
N ILE A 65 8.53 -7.47 -1.62
CA ILE A 65 9.18 -6.27 -1.15
C ILE A 65 10.69 -6.33 -1.44
N ALA A 66 11.30 -7.46 -1.13
CA ALA A 66 12.74 -7.63 -1.43
C ALA A 66 13.05 -7.43 -2.91
N THR A 67 12.22 -7.99 -3.77
CA THR A 67 12.41 -7.86 -5.21
C THR A 67 12.33 -6.42 -5.68
N ALA A 68 11.32 -5.69 -5.21
CA ALA A 68 11.17 -4.27 -5.53
C ALA A 68 12.36 -3.49 -5.00
N ASN A 69 12.73 -3.74 -3.76
CA ASN A 69 13.87 -3.05 -3.15
C ASN A 69 15.12 -3.20 -4.05
N ARG A 70 15.41 -4.44 -4.44
CA ARG A 70 16.63 -4.72 -5.20
CA ARG A 70 16.61 -4.75 -5.23
C ARG A 70 16.55 -4.18 -6.63
N ALA A 71 15.34 -4.04 -7.16
CA ALA A 71 15.10 -3.49 -8.47
C ALA A 71 15.15 -1.96 -8.48
N GLY A 72 15.24 -1.34 -7.29
CA GLY A 72 15.26 0.11 -7.19
C GLY A 72 13.93 0.80 -7.43
N ILE A 73 12.84 0.06 -7.21
CA ILE A 73 11.44 0.48 -7.40
C ILE A 73 10.88 0.91 -6.05
N PRO A 74 10.36 2.15 -5.94
CA PRO A 74 9.80 2.53 -4.64
C PRO A 74 8.61 1.65 -4.23
N VAL A 75 8.57 1.33 -2.94
CA VAL A 75 7.47 0.58 -2.35
C VAL A 75 6.62 1.53 -1.52
N VAL A 76 5.35 1.65 -1.89
CA VAL A 76 4.45 2.63 -1.32
C VAL A 76 3.28 1.92 -0.65
N VAL A 77 3.17 2.13 0.68
CA VAL A 77 2.08 1.54 1.46
C VAL A 77 0.89 2.47 1.37
N VAL A 78 -0.27 1.96 0.99
CA VAL A 78 -1.50 2.77 0.88
C VAL A 78 -2.58 2.02 1.67
N THR A 79 -3.00 2.60 2.78
CA THR A 79 -3.83 1.84 3.75
C THR A 79 -5.02 2.68 4.21
N ASN A 80 -6.21 2.09 4.20
CA ASN A 80 -7.38 2.66 4.85
C ASN A 80 -7.33 2.22 6.33
N GLN A 81 -7.50 3.19 7.22
CA GLN A 81 -7.54 2.98 8.65
C GLN A 81 -8.84 3.51 9.22
N SER A 82 -9.94 2.88 8.83
CA SER A 82 -11.27 3.35 9.23
C SER A 82 -11.51 3.28 10.72
N GLY A 83 -10.73 2.46 11.43
CA GLY A 83 -10.90 2.35 12.87
C GLY A 83 -10.70 3.68 13.55
N ILE A 84 -9.93 4.58 12.94
CA ILE A 84 -9.70 5.91 13.49
C ILE A 84 -10.98 6.73 13.47
N ALA A 85 -11.68 6.79 12.34
CA ALA A 85 -12.96 7.47 12.28
C ALA A 85 -14.00 6.88 13.22
N ARG A 86 -13.88 5.57 13.42
CA ARG A 86 -14.86 4.82 14.22
C ARG A 86 -14.56 4.85 15.72
N GLY A 87 -13.45 5.46 16.10
CA GLY A 87 -13.12 5.63 17.53
C GLY A 87 -12.45 4.43 18.16
N TYR A 88 -12.11 3.45 17.36
CA TYR A 88 -11.47 2.25 17.86
C TYR A 88 -10.04 2.53 18.29
N PHE A 89 -9.43 3.53 17.68
CA PHE A 89 -8.06 3.99 17.99
C PHE A 89 -7.82 5.32 17.27
N GLY A 90 -6.64 5.90 17.48
CA GLY A 90 -6.24 7.16 16.88
C GLY A 90 -4.93 7.09 16.13
N TRP A 91 -4.49 8.24 15.66
CA TRP A 91 -3.25 8.33 14.91
C TRP A 91 -2.04 7.94 15.72
N SER A 92 -2.07 8.10 17.06
CA SER A 92 -0.92 7.67 17.85
CA SER A 92 -0.92 7.68 17.87
C SER A 92 -0.75 6.15 17.85
N ALA A 93 -1.88 5.45 17.91
CA ALA A 93 -1.84 4.00 17.80
C ALA A 93 -1.36 3.58 16.40
N PHE A 94 -1.86 4.25 15.36
CA PHE A 94 -1.37 3.97 14.01
C PHE A 94 0.14 4.14 13.95
N ALA A 95 0.65 5.22 14.54
CA ALA A 95 2.09 5.45 14.50
C ALA A 95 2.87 4.30 15.14
N ALA A 96 2.41 3.85 16.29
CA ALA A 96 3.06 2.73 16.99
C ALA A 96 2.98 1.40 16.21
N VAL A 97 1.79 1.11 15.69
CA VAL A 97 1.58 -0.13 14.95
C VAL A 97 2.36 -0.11 13.65
N ASN A 98 2.24 0.98 12.90
CA ASN A 98 2.93 1.09 11.63
C ASN A 98 4.44 1.04 11.83
N GLY A 99 4.92 1.71 12.87
CA GLY A 99 6.33 1.63 13.21
C GLY A 99 6.81 0.22 13.48
N ARG A 100 5.97 -0.54 14.18
CA ARG A 100 6.28 -1.95 14.46
C ARG A 100 6.35 -2.78 13.17
N VAL A 101 5.43 -2.53 12.24
CA VAL A 101 5.46 -3.22 10.95
C VAL A 101 6.78 -2.93 10.25
N LEU A 102 7.17 -1.66 10.19
CA LEU A 102 8.43 -1.28 9.53
C LEU A 102 9.67 -1.87 10.24
N GLU A 103 9.62 -1.95 11.57
CA GLU A 103 10.70 -2.61 12.33
C GLU A 103 10.82 -4.10 12.02
N LEU A 104 9.69 -4.79 11.96
CA LEU A 104 9.72 -6.19 11.59
C LEU A 104 10.25 -6.40 10.17
N LEU A 105 9.87 -5.52 9.25
CA LEU A 105 10.38 -5.59 7.89
C LEU A 105 11.90 -5.36 7.87
N ARG A 106 12.37 -4.40 8.64
CA ARG A 106 13.81 -4.15 8.77
C ARG A 106 14.55 -5.39 9.23
N GLU A 107 13.98 -6.12 10.18
CA GLU A 107 14.58 -7.35 10.68
C GLU A 107 14.66 -8.44 9.63
N GLU A 108 13.80 -8.36 8.61
CA GLU A 108 13.84 -9.26 7.45
C GLU A 108 14.68 -8.72 6.29
N GLY A 109 15.25 -7.54 6.48
CA GLY A 109 16.12 -6.92 5.51
C GLY A 109 15.41 -6.24 4.36
N VAL A 110 14.16 -5.84 4.58
CA VAL A 110 13.38 -5.18 3.52
C VAL A 110 12.81 -3.87 4.06
N PHE A 111 12.37 -3.02 3.14
CA PHE A 111 11.90 -1.70 3.52
C PHE A 111 10.85 -1.17 2.57
N VAL A 112 10.19 -0.10 3.03
CA VAL A 112 9.28 0.66 2.18
C VAL A 112 9.78 2.09 2.10
N ASP A 113 9.18 2.86 1.19
CA ASP A 113 9.64 4.21 0.84
C ASP A 113 8.65 5.32 1.11
N MSE A 114 7.38 4.97 1.28
CA MSE A 114 6.37 5.97 1.62
C MSE A 114 5.18 5.25 2.24
O MSE A 114 4.87 4.10 1.86
CB MSE A 114 5.95 6.74 0.37
CG MSE A 114 4.95 7.85 0.63
SE MSE A 114 4.58 9.00 -0.88
CE MSE A 114 6.16 10.10 -0.76
N VAL A 115 4.54 5.90 3.19
CA VAL A 115 3.27 5.41 3.77
C VAL A 115 2.20 6.49 3.64
N LEU A 116 1.05 6.13 3.07
CA LEU A 116 -0.16 6.97 3.07
C LEU A 116 -1.27 6.20 3.75
N ALA A 117 -2.03 6.91 4.58
CA ALA A 117 -3.14 6.31 5.28
C ALA A 117 -4.33 7.26 5.35
N CYS A 118 -5.51 6.70 5.25
CA CYS A 118 -6.77 7.46 5.23
C CYS A 118 -7.72 6.95 6.29
N ALA A 119 -8.12 7.83 7.22
CA ALA A 119 -8.97 7.46 8.36
C ALA A 119 -10.46 7.56 8.07
N TYR A 120 -10.84 8.36 7.07
CA TYR A 120 -12.24 8.72 6.88
C TYR A 120 -13.12 7.53 6.54
N HIS A 121 -14.29 7.45 7.16
CA HIS A 121 -15.21 6.35 6.86
C HIS A 121 -16.64 6.77 7.15
N GLU A 122 -17.56 6.26 6.34
CA GLU A 122 -19.02 6.59 6.45
C GLU A 122 -19.63 6.24 7.78
N ALA A 123 -19.12 5.19 8.44
CA ALA A 123 -19.64 4.73 9.71
C ALA A 123 -18.92 5.31 10.90
N GLY A 124 -18.15 6.37 10.67
CA GLY A 124 -17.43 7.00 11.71
C GLY A 124 -18.37 7.75 12.62
N VAL A 125 -17.82 8.27 13.67
CA VAL A 125 -18.59 9.18 14.49
CA VAL A 125 -18.55 9.14 14.55
C VAL A 125 -17.79 10.44 14.67
N GLY A 126 -18.40 11.53 14.28
CA GLY A 126 -17.76 12.80 14.43
C GLY A 126 -17.25 13.31 13.12
N PRO A 127 -16.33 14.30 13.20
CA PRO A 127 -15.90 14.96 11.97
C PRO A 127 -15.17 14.11 10.95
N LEU A 128 -14.64 12.97 11.39
CA LEU A 128 -13.98 12.04 10.46
C LEU A 128 -14.93 11.11 9.70
N ALA A 129 -16.23 11.20 9.98
CA ALA A 129 -17.25 10.37 9.30
C ALA A 129 -17.61 10.90 7.88
N ILE A 130 -16.58 11.18 7.08
CA ILE A 130 -16.72 11.55 5.70
C ILE A 130 -16.85 10.29 4.87
N PRO A 131 -18.00 10.11 4.20
CA PRO A 131 -18.26 8.82 3.58
C PRO A 131 -17.54 8.44 2.32
N ASP A 132 -17.14 9.39 1.50
CA ASP A 132 -16.58 9.01 0.19
C ASP A 132 -15.39 9.86 -0.17
N HIS A 133 -14.47 9.96 0.77
CA HIS A 133 -13.36 10.85 0.64
C HIS A 133 -12.43 10.38 -0.49
N PRO A 134 -11.92 11.32 -1.32
CA PRO A 134 -11.04 10.99 -2.44
C PRO A 134 -9.79 10.17 -2.07
N MSE A 135 -9.36 10.21 -0.81
CA MSE A 135 -8.19 9.45 -0.37
C MSE A 135 -8.53 8.06 0.11
O MSE A 135 -7.62 7.27 0.39
CB MSE A 135 -7.44 10.16 0.73
CG MSE A 135 -6.88 11.49 0.30
SE MSE A 135 -5.44 11.37 -1.01
CE MSE A 135 -4.16 11.05 -0.02
N ARG A 136 -9.81 7.74 0.26
CA ARG A 136 -10.22 6.46 0.81
C ARG A 136 -10.43 5.49 -0.35
N LYS A 137 -9.64 4.41 -0.41
CA LYS A 137 -9.82 3.36 -1.43
C LYS A 137 -11.24 2.82 -1.26
N PRO A 138 -11.96 2.56 -2.37
CA PRO A 138 -11.52 2.47 -3.77
C PRO A 138 -11.21 3.76 -4.54
N ASN A 139 -11.44 4.93 -3.96
CA ASN A 139 -11.00 6.14 -4.64
C ASN A 139 -9.46 6.12 -4.70
N PRO A 140 -8.89 6.57 -5.83
CA PRO A 140 -7.45 6.47 -6.09
C PRO A 140 -6.54 7.54 -5.50
N GLY A 141 -7.07 8.38 -4.60
CA GLY A 141 -6.33 9.56 -4.17
C GLY A 141 -4.96 9.30 -3.61
N MSE A 142 -4.81 8.25 -2.83
CA MSE A 142 -3.49 8.00 -2.20
C MSE A 142 -2.46 7.62 -3.26
O MSE A 142 -1.27 7.92 -3.14
CB MSE A 142 -3.55 6.91 -1.12
CG MSE A 142 -4.19 7.39 0.14
SE MSE A 142 -4.13 6.09 1.59
CE MSE A 142 -5.48 4.89 0.99
N LEU A 143 -2.89 6.89 -4.29
CA LEU A 143 -1.99 6.51 -5.38
C LEU A 143 -1.61 7.75 -6.18
N VAL A 144 -2.60 8.58 -6.49
CA VAL A 144 -2.37 9.80 -7.25
C VAL A 144 -1.43 10.74 -6.47
N GLU A 145 -1.66 10.86 -5.17
CA GLU A 145 -0.80 11.71 -4.35
C GLU A 145 0.64 11.18 -4.27
N ALA A 146 0.80 9.89 -4.05
CA ALA A 146 2.15 9.29 -4.06
C ALA A 146 2.79 9.55 -5.43
N GLY A 147 2.00 9.43 -6.48
CA GLY A 147 2.48 9.73 -7.83
C GLY A 147 3.04 11.13 -7.95
N LYS A 148 2.30 12.10 -7.43
CA LYS A 148 2.78 13.50 -7.48
C LYS A 148 4.08 13.65 -6.72
N ARG A 149 4.10 13.10 -5.51
CA ARG A 149 5.22 13.30 -4.61
C ARG A 149 6.50 12.64 -5.07
N LEU A 150 6.40 11.45 -5.66
CA LEU A 150 7.59 10.71 -6.12
C LEU A 150 7.77 10.78 -7.64
N ALA A 151 6.96 11.57 -8.33
CA ALA A 151 6.98 11.64 -9.78
C ALA A 151 6.87 10.25 -10.43
N LEU A 152 5.90 9.46 -9.96
CA LEU A 152 5.76 8.09 -10.43
C LEU A 152 5.17 7.97 -11.82
N ASP A 153 5.52 6.87 -12.51
CA ASP A 153 4.83 6.43 -13.70
C ASP A 153 3.69 5.51 -13.24
N LEU A 154 2.51 6.07 -13.04
CA LEU A 154 1.39 5.28 -12.52
C LEU A 154 0.92 4.22 -13.51
N GLN A 155 1.02 4.50 -14.80
CA GLN A 155 0.51 3.57 -15.79
C GLN A 155 1.29 2.27 -15.75
N ARG A 156 2.56 2.31 -15.38
CA ARG A 156 3.39 1.10 -15.29
C ARG A 156 3.49 0.53 -13.86
N SER A 157 2.86 1.19 -12.88
CA SER A 157 2.91 0.73 -11.48
C SER A 157 2.05 -0.49 -11.26
N LEU A 158 2.31 -1.17 -10.13
CA LEU A 158 1.56 -2.34 -9.75
C LEU A 158 0.99 -2.12 -8.36
N ILE A 159 -0.11 -2.81 -8.06
CA ILE A 159 -0.70 -2.77 -6.73
C ILE A 159 -1.00 -4.19 -6.28
N VAL A 160 -0.81 -4.45 -4.99
CA VAL A 160 -1.11 -5.73 -4.36
C VAL A 160 -1.94 -5.45 -3.11
N GLY A 161 -3.04 -6.14 -2.94
CA GLY A 161 -3.85 -6.07 -1.72
C GLY A 161 -4.80 -7.23 -1.62
N ASP A 162 -5.52 -7.35 -0.50
CA ASP A 162 -6.45 -8.47 -0.35
C ASP A 162 -7.90 -8.07 -0.47
N LYS A 163 -8.15 -6.80 -0.81
CA LYS A 163 -9.53 -6.33 -0.94
C LYS A 163 -9.78 -5.82 -2.35
N LEU A 164 -11.01 -6.01 -2.83
CA LEU A 164 -11.40 -5.49 -4.13
C LEU A 164 -11.14 -3.98 -4.25
N ALA A 165 -11.30 -3.25 -3.16
CA ALA A 165 -11.04 -1.80 -3.17
C ALA A 165 -9.62 -1.45 -3.60
N ASP A 166 -8.66 -2.32 -3.33
CA ASP A 166 -7.30 -2.08 -3.78
C ASP A 166 -7.19 -2.19 -5.31
N MSE A 167 -7.92 -3.14 -5.88
CA MSE A 167 -7.90 -3.34 -7.33
C MSE A 167 -8.64 -2.21 -8.02
O MSE A 167 -8.21 -1.74 -9.06
CB MSE A 167 -8.55 -4.67 -7.69
CG MSE A 167 -7.89 -5.94 -7.09
SE MSE A 167 -6.03 -6.16 -7.60
CE MSE A 167 -5.17 -5.40 -5.96
N GLN A 168 -9.75 -1.79 -7.42
CA GLN A 168 -10.51 -0.67 -7.95
C GLN A 168 -9.69 0.63 -7.90
N ALA A 169 -9.01 0.86 -6.79
CA ALA A 169 -8.17 2.04 -6.65
C ALA A 169 -7.04 2.05 -7.69
N GLY A 170 -6.39 0.92 -7.86
CA GLY A 170 -5.39 0.78 -8.90
C GLY A 170 -5.91 1.10 -10.30
N LYS A 171 -7.03 0.48 -10.69
CA LYS A 171 -7.64 0.74 -12.00
CA LYS A 171 -7.63 0.75 -12.00
C LYS A 171 -7.95 2.22 -12.15
N ARG A 172 -8.56 2.80 -11.15
CA ARG A 172 -8.97 4.21 -11.21
CA ARG A 172 -8.97 4.20 -11.23
C ARG A 172 -7.79 5.19 -11.26
N ALA A 173 -6.63 4.78 -10.74
CA ALA A 173 -5.40 5.56 -10.77
C ALA A 173 -4.67 5.44 -12.11
N GLY A 174 -5.09 4.54 -12.97
CA GLY A 174 -4.48 4.37 -14.28
C GLY A 174 -3.50 3.21 -14.40
N LEU A 175 -3.40 2.39 -13.38
CA LEU A 175 -2.57 1.18 -13.46
C LEU A 175 -3.22 0.18 -14.42
N ALA A 176 -2.45 -0.78 -14.90
CA ALA A 176 -2.93 -1.82 -15.80
C ALA A 176 -3.06 -3.21 -15.17
N GLN A 177 -2.46 -3.39 -13.99
CA GLN A 177 -2.44 -4.68 -13.32
C GLN A 177 -2.42 -4.51 -11.83
N GLY A 178 -3.05 -5.44 -11.14
CA GLY A 178 -2.89 -5.60 -9.71
C GLY A 178 -3.00 -7.07 -9.35
N TRP A 179 -2.50 -7.43 -8.17
CA TRP A 179 -2.53 -8.80 -7.65
C TRP A 179 -3.43 -8.82 -6.45
N LEU A 180 -4.40 -9.71 -6.47
CA LEU A 180 -5.33 -9.83 -5.38
C LEU A 180 -5.00 -11.02 -4.51
N VAL A 181 -4.49 -10.70 -3.33
CA VAL A 181 -4.15 -11.72 -2.33
C VAL A 181 -5.37 -12.59 -2.05
N ASP A 182 -5.20 -13.91 -2.22
CA ASP A 182 -6.22 -14.92 -2.00
C ASP A 182 -7.42 -14.77 -2.93
N GLY A 183 -7.26 -14.04 -4.03
CA GLY A 183 -8.38 -13.74 -4.90
C GLY A 183 -8.29 -14.39 -6.27
N GLU A 184 -9.38 -14.25 -7.03
CA GLU A 184 -9.51 -14.79 -8.38
C GLU A 184 -9.08 -13.79 -9.44
N ALA A 185 -8.71 -14.34 -10.60
CA ALA A 185 -8.32 -13.55 -11.74
C ALA A 185 -9.54 -12.83 -12.37
N ALA A 186 -9.30 -11.67 -12.94
CA ALA A 186 -10.30 -10.99 -13.75
C ALA A 186 -9.52 -10.26 -14.83
N VAL A 187 -9.39 -10.85 -16.01
CA VAL A 187 -8.50 -10.33 -17.04
C VAL A 187 -9.33 -9.67 -18.10
N GLN A 188 -9.22 -8.35 -18.18
CA GLN A 188 -9.99 -7.55 -19.11
C GLN A 188 -9.06 -6.59 -19.83
N PRO A 189 -9.49 -6.04 -20.98
CA PRO A 189 -8.65 -5.01 -21.60
C PRO A 189 -8.54 -3.76 -20.69
N GLY A 190 -7.35 -3.23 -20.54
CA GLY A 190 -7.19 -2.04 -19.71
C GLY A 190 -6.89 -2.32 -18.24
N PHE A 191 -7.42 -3.42 -17.68
CA PHE A 191 -7.03 -3.80 -16.30
C PHE A 191 -7.12 -5.30 -16.06
N ALA A 192 -6.08 -5.85 -15.49
CA ALA A 192 -6.09 -7.25 -15.13
C ALA A 192 -5.92 -7.34 -13.62
N ILE A 193 -6.89 -8.01 -12.98
CA ILE A 193 -6.70 -8.54 -11.61
C ILE A 193 -6.06 -9.91 -11.73
N ARG A 194 -4.86 -10.02 -11.18
CA ARG A 194 -4.07 -11.24 -11.23
C ARG A 194 -4.25 -11.95 -9.90
N PRO A 195 -4.44 -13.26 -9.90
CA PRO A 195 -4.63 -13.97 -8.65
C PRO A 195 -3.31 -14.09 -7.87
N LEU A 196 -3.38 -14.01 -6.55
CA LEU A 196 -2.18 -14.24 -5.70
C LEU A 196 -2.51 -15.21 -4.57
N ARG A 197 -2.48 -16.50 -4.89
CA ARG A 197 -2.97 -17.52 -3.98
C ARG A 197 -1.93 -18.55 -3.60
N ASP A 198 -0.83 -18.64 -4.34
CA ASP A 198 0.15 -19.71 -4.12
C ASP A 198 1.51 -19.19 -4.61
N SER A 199 2.54 -20.01 -4.52
CA SER A 199 3.89 -19.56 -4.86
C SER A 199 4.06 -19.35 -6.37
N SER A 200 3.37 -20.10 -7.21
CA SER A 200 3.43 -19.88 -8.64
C SER A 200 2.94 -18.48 -9.00
N GLU A 201 1.83 -18.08 -8.37
CA GLU A 201 1.26 -16.76 -8.60
C GLU A 201 2.15 -15.66 -8.04
N LEU A 202 2.83 -15.89 -6.93
CA LEU A 202 3.83 -14.95 -6.43
C LEU A 202 4.91 -14.77 -7.49
N GLY A 203 5.30 -15.87 -8.14
CA GLY A 203 6.27 -15.79 -9.23
C GLY A 203 5.87 -14.85 -10.34
N ASP A 204 4.58 -14.87 -10.70
CA ASP A 204 4.06 -13.97 -11.72
C ASP A 204 4.26 -12.54 -11.27
N LEU A 205 3.91 -12.25 -10.01
CA LEU A 205 4.13 -10.92 -9.48
C LEU A 205 5.61 -10.50 -9.49
N LEU A 206 6.50 -11.38 -9.05
CA LEU A 206 7.92 -11.09 -9.01
C LEU A 206 8.44 -10.82 -10.42
N ALA A 207 8.00 -11.59 -11.41
CA ALA A 207 8.43 -11.34 -12.78
C ALA A 207 8.01 -9.95 -13.22
N ALA A 208 6.79 -9.56 -12.85
CA ALA A 208 6.26 -8.24 -13.23
C ALA A 208 7.08 -7.09 -12.59
N ILE A 209 7.50 -7.27 -11.34
CA ILE A 209 8.31 -6.28 -10.63
C ILE A 209 9.70 -6.21 -11.28
N GLU A 210 10.29 -7.38 -11.55
CA GLU A 210 11.63 -7.44 -12.14
C GLU A 210 11.72 -6.75 -13.50
N THR A 211 10.66 -6.85 -14.31
CA THR A 211 10.68 -6.18 -15.62
C THR A 211 10.80 -4.67 -15.45
N LEU A 212 10.30 -4.13 -14.36
CA LEU A 212 10.40 -2.71 -14.08
C LEU A 212 11.77 -2.26 -13.57
N GLY A 213 12.66 -3.18 -13.24
CA GLY A 213 13.96 -2.86 -12.64
C GLY A 213 14.89 -1.97 -13.44
N ARG A 214 15.79 -1.27 -12.75
CA ARG A 214 16.75 -0.32 -13.35
C ARG A 214 17.87 -1.05 -14.09
N ASP A 215 18.26 -0.50 -15.23
CA ASP A 215 19.50 -0.93 -15.90
C ASP A 215 20.60 0.04 -15.49
N ASN A 216 21.52 -0.41 -14.64
CA ASN A 216 22.64 0.42 -14.22
C ASN A 216 23.80 0.45 -15.22
N ARG A 217 23.52 0.17 -16.49
CA ARG A 217 24.45 0.39 -17.61
C ARG A 217 24.06 1.62 -18.43
C1 GOL B . -0.05 -17.23 7.04
O1 GOL B . 0.83 -17.67 6.00
C2 GOL B . -0.39 -15.74 6.95
O2 GOL B . 0.75 -15.00 6.58
C3 GOL B . -1.50 -15.43 5.94
O3 GOL B . -2.16 -14.20 6.24
C1 GOL C . -10.23 -10.34 11.17
O1 GOL C . -9.17 -11.19 11.52
C2 GOL C . -9.83 -9.45 10.01
O2 GOL C . -9.93 -10.19 8.82
C3 GOL C . -10.72 -8.22 9.95
O3 GOL C . -10.38 -7.35 8.90
#